data_4BQ8
#
_entry.id   4BQ8
#
_cell.length_a   116.920
_cell.length_b   116.920
_cell.length_c   91.820
_cell.angle_alpha   90.00
_cell.angle_beta   90.00
_cell.angle_gamma   90.00
#
_symmetry.space_group_name_H-M   'P 41 21 2'
#
loop_
_entity.id
_entity.type
_entity.pdbx_description
1 polymer NEOGENIN
2 polymer 'RGM DOMAIN FAMILY MEMBER B'
3 polymer 'RGM DOMAIN FAMILY MEMBER B'
4 non-polymer 2-acetamido-2-deoxy-beta-D-glucopyranose
5 water water
#
loop_
_entity_poly.entity_id
_entity_poly.type
_entity_poly.pdbx_seq_one_letter_code
_entity_poly.pdbx_strand_id
1 'polypeptide(L)'
;ETGTPMMPPVGVQASILSHDTIRITWADNSLPKHQKITDSRYYTVRWKTNIPANTKYKNANATTLSYLVTGLKPNTLYEF
SVMVTKGRRSSTWSMTAHGATFELVPTSPPKDVTVVSKEGKPRTIIVNWQPPSEANGKITGYIIYYSTDVNAEIHDWVIE
PVVGNRLTHQIQELTLDTPYYFKIQARNSKGMGPMSEAVQFRTPGTKHHHHHH
;
A
2 'polypeptide(L)'
;ETGQPAQCRIQKCTTDFVSLTSHLNSAVDGFDSEFCKALRAYAGCTQRTSKACRGNLVYHSAVLGISDLMSQRNCSKDGP
TSSTNPEVTHDPCNYHSHAGAREHRRGDQNPPSYLFCGLFGD
;
B
3 'polypeptide(L)'
;PHLRTFKDNFQTCKVEGAWPLIDNNYLSVQVTNVPVVPGSSATATNKITIIFKAHHGCTDQKVYQAVTDDLPAAFVDGTT
SGGDSDAKSLRIVERESGHYVEMHARYIGTTVFVRQVGRYLTLAIRMPEDLAMSYEESQDLQLCVNGCPLSERIDDGQGQ
VSAILGHSLPRTSLVQAWPGYTLETANTQCHEKMPVKDIYFQSCVFDLLTTGDANFTAAAHSALEDVEALHPRKERWHIF
PSGTKHHHHHH
;
C
#
loop_
_chem_comp.id
_chem_comp.type
_chem_comp.name
_chem_comp.formula
NAG D-saccharide, beta linking 2-acetamido-2-deoxy-beta-D-glucopyranose 'C8 H15 N O6'
#
# COMPACT_ATOMS: atom_id res chain seq x y z
N MET A 6 -40.83 10.95 11.96
CA MET A 6 -40.59 9.51 11.80
C MET A 6 -39.37 9.01 12.57
N MET A 7 -39.57 7.98 13.41
CA MET A 7 -38.50 7.40 14.22
C MET A 7 -37.51 6.57 13.37
N PRO A 8 -36.18 6.85 13.45
CA PRO A 8 -35.21 6.07 12.64
C PRO A 8 -35.07 4.61 13.10
N PRO A 9 -34.76 3.66 12.17
CA PRO A 9 -34.60 2.25 12.59
C PRO A 9 -33.49 2.05 13.62
N VAL A 10 -33.64 1.05 14.48
CA VAL A 10 -32.65 0.79 15.54
C VAL A 10 -32.14 -0.66 15.51
N GLY A 11 -31.11 -0.96 16.32
CA GLY A 11 -30.50 -2.28 16.41
C GLY A 11 -29.84 -2.78 15.13
N VAL A 12 -29.24 -1.85 14.37
CA VAL A 12 -28.59 -2.14 13.09
C VAL A 12 -27.38 -3.02 13.32
N GLN A 13 -27.39 -4.20 12.67
CA GLN A 13 -26.36 -5.19 12.83
C GLN A 13 -25.93 -5.71 11.48
N ALA A 14 -24.63 -6.10 11.41
CA ALA A 14 -23.98 -6.59 10.21
C ALA A 14 -23.45 -7.99 10.47
N SER A 15 -23.87 -8.97 9.67
CA SER A 15 -23.41 -10.35 9.83
C SER A 15 -22.63 -10.71 8.61
N ILE A 16 -21.32 -10.97 8.78
CA ILE A 16 -20.42 -11.30 7.67
C ILE A 16 -20.66 -12.73 7.22
N LEU A 17 -21.06 -12.89 5.96
CA LEU A 17 -21.34 -14.19 5.39
C LEU A 17 -20.24 -14.76 4.47
N SER A 18 -19.42 -13.87 3.85
CA SER A 18 -18.34 -14.25 2.92
C SER A 18 -17.41 -13.08 2.67
N HIS A 19 -16.49 -13.25 1.71
CA HIS A 19 -15.55 -12.21 1.28
C HIS A 19 -16.27 -11.05 0.51
N ASP A 20 -17.55 -11.22 0.14
CA ASP A 20 -18.24 -10.20 -0.61
C ASP A 20 -19.70 -10.09 -0.22
N THR A 21 -20.13 -10.76 0.85
CA THR A 21 -21.51 -10.70 1.33
C THR A 21 -21.61 -10.40 2.83
N ILE A 22 -22.49 -9.44 3.19
CA ILE A 22 -22.87 -9.04 4.54
C ILE A 22 -24.42 -8.89 4.61
N ARG A 23 -25.05 -9.52 5.61
CA ARG A 23 -26.48 -9.40 5.83
C ARG A 23 -26.75 -8.35 6.91
N ILE A 24 -27.50 -7.32 6.53
CA ILE A 24 -27.89 -6.24 7.43
C ILE A 24 -29.29 -6.50 7.97
N THR A 25 -29.45 -6.39 9.30
CA THR A 25 -30.73 -6.56 10.00
C THR A 25 -30.96 -5.35 10.91
N TRP A 26 -32.23 -4.99 11.14
CA TRP A 26 -32.62 -3.87 12.01
C TRP A 26 -34.00 -4.08 12.62
N ALA A 27 -34.24 -3.44 13.77
CA ALA A 27 -35.52 -3.48 14.49
C ALA A 27 -36.24 -2.17 14.27
N ASP A 28 -37.59 -2.22 14.25
CA ASP A 28 -38.45 -1.03 14.09
C ASP A 28 -39.38 -0.93 15.30
N ASN A 29 -39.09 0.05 16.18
CA ASN A 29 -39.83 0.33 17.42
C ASN A 29 -41.28 0.78 17.21
N SER A 30 -41.57 1.48 16.09
CA SER A 30 -42.89 2.01 15.74
C SER A 30 -43.93 0.93 15.40
N LEU A 31 -43.47 -0.22 14.88
CA LEU A 31 -44.34 -1.33 14.51
C LEU A 31 -44.55 -2.32 15.66
N THR A 38 -47.23 -4.43 8.51
CA THR A 38 -48.18 -4.67 7.41
C THR A 38 -48.18 -3.54 6.37
N ASP A 39 -48.28 -2.27 6.85
CA ASP A 39 -48.35 -1.03 6.04
C ASP A 39 -47.28 -0.88 4.95
N SER A 40 -47.63 -0.13 3.87
CA SER A 40 -46.80 0.12 2.68
C SER A 40 -45.51 0.94 2.89
N ARG A 41 -44.90 0.87 4.10
CA ARG A 41 -43.63 1.55 4.38
C ARG A 41 -42.49 0.75 3.74
N TYR A 42 -41.33 1.40 3.55
CA TYR A 42 -40.15 0.73 3.01
C TYR A 42 -38.88 1.26 3.68
N TYR A 43 -37.84 0.44 3.69
CA TYR A 43 -36.56 0.82 4.30
C TYR A 43 -35.53 1.07 3.25
N THR A 44 -34.70 2.08 3.45
CA THR A 44 -33.60 2.36 2.53
C THR A 44 -32.31 2.14 3.29
N VAL A 45 -31.48 1.19 2.80
CA VAL A 45 -30.17 0.86 3.36
C VAL A 45 -29.11 1.55 2.55
N ARG A 46 -28.14 2.15 3.25
CA ARG A 46 -26.97 2.79 2.64
C ARG A 46 -25.66 2.16 3.15
N TRP A 47 -24.66 2.06 2.28
CA TRP A 47 -23.34 1.54 2.66
C TRP A 47 -22.23 2.19 1.88
N LYS A 48 -21.01 2.13 2.42
CA LYS A 48 -19.84 2.80 1.87
C LYS A 48 -18.62 2.24 2.54
N THR A 49 -17.47 2.39 1.88
CA THR A 49 -16.16 2.10 2.45
C THR A 49 -15.30 3.33 2.16
N ASN A 50 -14.06 3.34 2.68
CA ASN A 50 -13.12 4.46 2.51
C ASN A 50 -12.10 4.21 1.42
N ILE A 51 -12.26 3.10 0.68
CA ILE A 51 -11.41 2.67 -0.42
C ILE A 51 -12.25 2.46 -1.71
N PRO A 52 -11.95 3.11 -2.87
CA PRO A 52 -10.95 4.16 -3.12
C PRO A 52 -11.35 5.51 -2.52
N ALA A 53 -10.52 6.53 -2.76
CA ALA A 53 -10.77 7.87 -2.29
C ALA A 53 -12.04 8.43 -2.94
N ASN A 54 -12.81 9.16 -2.13
CA ASN A 54 -14.05 9.85 -2.47
C ASN A 54 -15.17 9.02 -3.10
N THR A 55 -15.51 7.89 -2.43
CA THR A 55 -16.63 7.05 -2.85
C THR A 55 -17.86 7.55 -2.16
N LYS A 56 -18.98 7.57 -2.86
CA LYS A 56 -20.25 8.01 -2.29
C LYS A 56 -21.00 6.75 -1.76
N TYR A 57 -22.22 6.90 -1.22
CA TYR A 57 -22.98 5.78 -0.67
C TYR A 57 -23.75 5.04 -1.74
N LYS A 58 -23.74 3.72 -1.66
CA LYS A 58 -24.56 2.88 -2.53
C LYS A 58 -25.86 2.68 -1.74
N ASN A 59 -27.00 2.41 -2.41
CA ASN A 59 -28.28 2.27 -1.71
C ASN A 59 -29.09 1.08 -2.17
N ALA A 60 -30.09 0.71 -1.37
CA ALA A 60 -31.02 -0.36 -1.67
C ALA A 60 -32.28 -0.24 -0.86
N ASN A 61 -33.43 -0.62 -1.44
CA ASN A 61 -34.70 -0.62 -0.74
C ASN A 61 -35.07 -2.04 -0.30
N ALA A 62 -35.57 -2.16 0.95
CA ALA A 62 -35.98 -3.42 1.59
C ALA A 62 -37.34 -3.28 2.28
N THR A 63 -38.30 -4.16 1.94
CA THR A 63 -39.64 -4.14 2.57
C THR A 63 -39.68 -5.03 3.82
N THR A 64 -38.54 -5.64 4.14
CA THR A 64 -38.32 -6.56 5.26
C THR A 64 -37.37 -5.89 6.25
N LEU A 65 -37.22 -6.47 7.46
CA LEU A 65 -36.33 -5.96 8.50
C LEU A 65 -34.88 -6.47 8.29
N SER A 66 -34.54 -6.77 7.03
CA SER A 66 -33.23 -7.25 6.60
C SER A 66 -32.95 -6.91 5.14
N TYR A 67 -31.66 -6.93 4.77
CA TYR A 67 -31.16 -6.72 3.42
C TYR A 67 -29.83 -7.46 3.22
N LEU A 68 -29.69 -8.17 2.10
CA LEU A 68 -28.45 -8.87 1.78
C LEU A 68 -27.56 -8.00 0.88
N VAL A 69 -26.47 -7.47 1.45
CA VAL A 69 -25.54 -6.63 0.73
C VAL A 69 -24.51 -7.53 0.06
N THR A 70 -24.51 -7.59 -1.28
CA THR A 70 -23.52 -8.41 -1.98
C THR A 70 -22.59 -7.55 -2.85
N GLY A 71 -21.68 -8.20 -3.58
CA GLY A 71 -20.72 -7.55 -4.47
C GLY A 71 -19.73 -6.68 -3.77
N LEU A 72 -19.53 -6.89 -2.45
CA LEU A 72 -18.58 -6.12 -1.64
C LEU A 72 -17.10 -6.52 -1.91
N LYS A 73 -16.13 -5.75 -1.40
CA LYS A 73 -14.72 -6.03 -1.67
C LYS A 73 -14.19 -6.92 -0.56
N PRO A 74 -13.32 -7.94 -0.85
CA PRO A 74 -12.84 -8.80 0.24
C PRO A 74 -11.94 -8.04 1.19
N ASN A 75 -11.97 -8.43 2.48
CA ASN A 75 -11.16 -7.84 3.55
C ASN A 75 -11.34 -6.31 3.63
N THR A 76 -12.60 -5.83 3.63
CA THR A 76 -12.85 -4.37 3.63
C THR A 76 -13.89 -4.00 4.67
N LEU A 77 -13.60 -2.98 5.47
CA LEU A 77 -14.50 -2.49 6.51
C LEU A 77 -15.53 -1.58 5.87
N TYR A 78 -16.83 -2.01 5.89
CA TYR A 78 -17.95 -1.27 5.34
C TYR A 78 -18.79 -0.56 6.44
N GLU A 79 -19.41 0.58 6.10
CA GLU A 79 -20.26 1.42 6.96
C GLU A 79 -21.69 1.06 6.61
N PHE A 80 -22.59 0.90 7.61
CA PHE A 80 -24.01 0.59 7.32
C PHE A 80 -25.02 1.35 8.19
N SER A 81 -26.02 1.98 7.55
CA SER A 81 -27.17 2.66 8.20
C SER A 81 -28.41 2.62 7.33
N VAL A 82 -29.58 2.55 7.97
CA VAL A 82 -30.89 2.45 7.30
C VAL A 82 -31.87 3.55 7.78
N MET A 83 -32.83 3.94 6.90
CA MET A 83 -33.90 4.92 7.17
C MET A 83 -35.26 4.34 6.73
N VAL A 84 -36.34 4.80 7.37
CA VAL A 84 -37.70 4.36 7.06
C VAL A 84 -38.50 5.47 6.39
N THR A 85 -39.28 5.12 5.34
CA THR A 85 -40.14 6.04 4.59
C THR A 85 -41.55 5.43 4.47
N LYS A 86 -42.56 6.21 4.89
CA LYS A 86 -43.99 5.90 4.87
C LYS A 86 -44.73 7.12 4.28
N GLY A 87 -44.80 7.17 2.95
CA GLY A 87 -45.42 8.26 2.21
C GLY A 87 -44.61 9.54 2.29
N ARG A 88 -45.22 10.62 2.82
CA ARG A 88 -44.58 11.93 3.00
C ARG A 88 -43.55 11.82 4.13
N ARG A 89 -43.91 11.06 5.19
CA ARG A 89 -43.12 10.79 6.39
C ARG A 89 -41.87 9.92 6.13
N SER A 90 -40.67 10.48 6.42
CA SER A 90 -39.39 9.77 6.26
C SER A 90 -38.44 10.10 7.40
N SER A 91 -37.83 9.07 8.01
CA SER A 91 -36.91 9.21 9.12
C SER A 91 -35.49 9.60 8.68
N THR A 92 -34.59 9.87 9.66
CA THR A 92 -33.19 10.12 9.41
C THR A 92 -32.52 8.75 9.44
N TRP A 93 -31.21 8.74 9.23
CA TRP A 93 -30.41 7.53 9.24
C TRP A 93 -30.13 7.05 10.63
N SER A 94 -30.14 5.74 10.79
CA SER A 94 -29.87 5.03 12.03
C SER A 94 -28.41 5.21 12.44
N MET A 95 -28.10 4.87 13.70
CA MET A 95 -26.73 4.90 14.20
C MET A 95 -25.98 3.81 13.37
N THR A 96 -24.86 4.18 12.69
CA THR A 96 -24.14 3.24 11.81
C THR A 96 -23.54 2.00 12.48
N ALA A 97 -23.66 0.87 11.78
CA ALA A 97 -23.10 -0.43 12.14
C ALA A 97 -21.95 -0.72 11.18
N HIS A 98 -20.93 -1.44 11.62
CA HIS A 98 -19.81 -1.75 10.73
C HIS A 98 -19.64 -3.23 10.51
N GLY A 99 -19.15 -3.58 9.33
CA GLY A 99 -18.87 -4.95 8.96
C GLY A 99 -17.72 -5.07 7.99
N ALA A 100 -16.79 -6.01 8.30
CA ALA A 100 -15.64 -6.28 7.43
C ALA A 100 -15.74 -7.66 6.81
N THR A 101 -15.76 -7.68 5.46
CA THR A 101 -15.84 -8.87 4.63
C THR A 101 -14.63 -9.77 4.89
N PHE A 102 -14.81 -11.09 4.84
CA PHE A 102 -13.72 -12.04 5.06
C PHE A 102 -12.59 -11.91 3.98
N GLU A 103 -11.47 -12.60 4.21
CA GLU A 103 -10.37 -12.60 3.24
C GLU A 103 -10.73 -13.47 2.03
N LEU A 104 -10.20 -13.11 0.87
CA LEU A 104 -10.30 -13.91 -0.34
C LEU A 104 -8.86 -14.14 -0.79
N VAL A 105 -8.60 -15.24 -1.49
CA VAL A 105 -7.26 -15.55 -2.02
C VAL A 105 -6.74 -14.32 -2.89
N PRO A 106 -5.45 -13.97 -2.99
CA PRO A 106 -5.09 -12.82 -3.84
C PRO A 106 -5.56 -13.07 -5.28
N THR A 107 -6.28 -12.11 -5.86
CA THR A 107 -6.81 -12.29 -7.22
C THR A 107 -6.05 -11.49 -8.25
N SER A 108 -4.87 -10.98 -7.93
CA SER A 108 -4.05 -10.21 -8.87
C SER A 108 -2.53 -10.34 -8.55
N PRO A 109 -1.57 -10.12 -9.50
CA PRO A 109 -0.15 -10.34 -9.16
C PRO A 109 0.51 -9.19 -8.43
N PRO A 110 1.68 -9.45 -7.74
CA PRO A 110 2.47 -8.33 -7.20
C PRO A 110 2.80 -7.38 -8.36
N LYS A 111 2.85 -6.09 -8.07
CA LYS A 111 3.04 -5.10 -9.12
C LYS A 111 4.42 -4.48 -9.14
N ASP A 112 4.74 -3.81 -10.26
CA ASP A 112 5.90 -3.01 -10.52
C ASP A 112 7.20 -3.72 -10.35
N VAL A 113 7.22 -5.04 -10.57
CA VAL A 113 8.42 -5.87 -10.43
C VAL A 113 9.62 -5.27 -11.16
N THR A 114 10.61 -4.79 -10.37
CA THR A 114 11.85 -4.21 -10.87
C THR A 114 13.04 -4.93 -10.34
N VAL A 115 14.04 -5.12 -11.21
CA VAL A 115 15.27 -5.86 -10.90
C VAL A 115 16.45 -5.00 -11.29
N VAL A 116 17.42 -4.89 -10.38
CA VAL A 116 18.59 -4.07 -10.61
C VAL A 116 19.86 -4.79 -10.15
N SER A 117 21.03 -4.38 -10.66
CA SER A 117 22.27 -4.98 -10.19
C SER A 117 22.70 -4.32 -8.89
N LYS A 118 23.21 -5.10 -7.91
CA LYS A 118 23.67 -4.52 -6.66
C LYS A 118 25.04 -3.92 -6.92
N GLU A 119 25.23 -2.69 -6.42
CA GLU A 119 26.43 -1.87 -6.51
C GLU A 119 27.61 -2.64 -5.91
N GLY A 120 28.64 -2.88 -6.74
CA GLY A 120 29.85 -3.60 -6.36
C GLY A 120 29.72 -5.10 -6.18
N LYS A 121 28.50 -5.63 -6.34
CA LYS A 121 28.23 -7.05 -6.18
C LYS A 121 27.51 -7.56 -7.46
N PRO A 122 28.24 -7.74 -8.61
CA PRO A 122 27.58 -8.13 -9.89
C PRO A 122 26.76 -9.41 -9.95
N ARG A 123 27.16 -10.43 -9.15
CA ARG A 123 26.46 -11.71 -9.05
C ARG A 123 25.19 -11.58 -8.23
N THR A 124 24.92 -10.40 -7.67
CA THR A 124 23.75 -10.06 -6.86
C THR A 124 22.83 -9.08 -7.61
N ILE A 125 21.53 -9.33 -7.46
CA ILE A 125 20.50 -8.47 -7.99
C ILE A 125 19.58 -8.07 -6.83
N ILE A 126 18.81 -7.01 -7.00
CA ILE A 126 17.82 -6.60 -6.03
C ILE A 126 16.45 -6.62 -6.72
N VAL A 127 15.50 -7.39 -6.18
CA VAL A 127 14.13 -7.40 -6.70
C VAL A 127 13.26 -6.51 -5.83
N ASN A 128 12.63 -5.51 -6.46
CA ASN A 128 11.73 -4.59 -5.78
C ASN A 128 10.36 -4.70 -6.40
N TRP A 129 9.33 -4.77 -5.57
CA TRP A 129 7.97 -4.84 -6.10
C TRP A 129 6.99 -4.07 -5.21
N GLN A 130 5.70 -4.16 -5.58
CA GLN A 130 4.57 -3.50 -4.94
C GLN A 130 3.48 -4.55 -4.68
N PRO A 131 2.64 -4.40 -3.63
CA PRO A 131 1.60 -5.40 -3.36
C PRO A 131 0.58 -5.52 -4.49
N PRO A 132 -0.06 -6.70 -4.67
CA PRO A 132 -1.11 -6.79 -5.68
C PRO A 132 -2.24 -5.79 -5.39
N SER A 133 -2.86 -5.23 -6.43
CA SER A 133 -4.01 -4.31 -6.31
C SER A 133 -5.14 -5.05 -5.55
N GLU A 134 -5.31 -6.37 -5.85
CA GLU A 134 -6.28 -7.23 -5.22
C GLU A 134 -5.60 -8.24 -4.29
N ALA A 135 -5.01 -7.71 -3.18
CA ALA A 135 -4.38 -8.51 -2.15
C ALA A 135 -5.48 -9.36 -1.47
N ASN A 136 -6.70 -8.76 -1.28
CA ASN A 136 -7.92 -9.33 -0.68
C ASN A 136 -7.73 -9.88 0.75
N GLY A 137 -6.67 -9.44 1.41
CA GLY A 137 -6.32 -9.85 2.77
C GLY A 137 -4.93 -9.41 3.16
N LYS A 138 -4.54 -9.72 4.40
CA LYS A 138 -3.21 -9.40 4.91
C LYS A 138 -2.22 -10.34 4.21
N ILE A 139 -1.32 -9.79 3.38
CA ILE A 139 -0.28 -10.56 2.67
C ILE A 139 0.70 -11.16 3.68
N THR A 140 0.78 -12.47 3.72
CA THR A 140 1.64 -13.21 4.64
C THR A 140 3.00 -13.67 4.02
N GLY A 141 3.15 -13.46 2.72
CA GLY A 141 4.35 -13.86 2.03
C GLY A 141 4.27 -13.64 0.55
N TYR A 142 5.44 -13.70 -0.09
CA TYR A 142 5.63 -13.63 -1.52
C TYR A 142 6.52 -14.78 -1.86
N ILE A 143 6.41 -15.28 -3.07
CA ILE A 143 7.26 -16.34 -3.59
C ILE A 143 7.88 -15.73 -4.87
N ILE A 144 9.23 -15.65 -4.92
CA ILE A 144 10.00 -15.19 -6.08
C ILE A 144 10.49 -16.41 -6.86
N TYR A 145 10.28 -16.41 -8.17
CA TYR A 145 10.70 -17.49 -9.04
C TYR A 145 11.69 -16.94 -10.01
N TYR A 146 12.84 -17.63 -10.15
CA TYR A 146 13.83 -17.21 -11.13
C TYR A 146 14.45 -18.33 -11.96
N SER A 147 14.80 -17.99 -13.22
CA SER A 147 15.34 -18.95 -14.17
C SER A 147 16.06 -18.24 -15.31
N THR A 148 17.00 -18.96 -15.91
CA THR A 148 17.73 -18.55 -17.09
C THR A 148 16.93 -18.93 -18.36
N ASP A 149 15.86 -19.76 -18.19
CA ASP A 149 14.92 -20.23 -19.23
C ASP A 149 13.48 -19.81 -18.88
N VAL A 150 12.94 -18.81 -19.61
CA VAL A 150 11.58 -18.26 -19.45
C VAL A 150 10.48 -19.29 -19.80
N ASN A 151 10.86 -20.35 -20.52
CA ASN A 151 9.98 -21.41 -21.03
C ASN A 151 10.02 -22.72 -20.21
N ALA A 152 10.86 -22.75 -19.16
CA ALA A 152 10.96 -23.91 -18.29
C ALA A 152 9.67 -24.03 -17.51
N GLU A 153 9.25 -25.27 -17.21
CA GLU A 153 8.06 -25.54 -16.39
C GLU A 153 8.30 -24.89 -15.01
N ILE A 154 7.28 -24.26 -14.42
CA ILE A 154 7.42 -23.53 -13.14
C ILE A 154 8.11 -24.28 -11.99
N HIS A 155 7.92 -25.60 -11.87
CA HIS A 155 8.55 -26.42 -10.84
C HIS A 155 10.07 -26.54 -11.02
N ASP A 156 10.56 -26.21 -12.22
CA ASP A 156 11.95 -26.20 -12.64
C ASP A 156 12.59 -24.78 -12.55
N TRP A 157 11.87 -23.84 -11.89
CA TRP A 157 12.34 -22.47 -11.64
C TRP A 157 12.88 -22.46 -10.20
N VAL A 158 13.76 -21.50 -9.84
CA VAL A 158 14.24 -21.41 -8.46
C VAL A 158 13.12 -20.80 -7.61
N ILE A 159 12.77 -21.46 -6.51
CA ILE A 159 11.69 -20.99 -5.62
C ILE A 159 12.27 -20.28 -4.38
N GLU A 160 11.89 -19.04 -4.18
CA GLU A 160 12.38 -18.26 -3.05
C GLU A 160 11.24 -17.56 -2.30
N PRO A 161 10.74 -18.24 -1.24
CA PRO A 161 9.72 -17.64 -0.38
C PRO A 161 10.37 -16.49 0.37
N VAL A 162 9.60 -15.45 0.60
CA VAL A 162 10.02 -14.22 1.24
C VAL A 162 8.84 -13.77 2.11
N VAL A 163 9.07 -13.00 3.20
CA VAL A 163 8.03 -12.45 4.11
C VAL A 163 7.03 -11.58 3.33
N GLY A 164 5.89 -11.26 3.92
CA GLY A 164 4.88 -10.47 3.22
C GLY A 164 4.94 -8.99 3.49
N ASN A 165 5.71 -8.59 4.52
CA ASN A 165 5.84 -7.19 4.93
C ASN A 165 7.06 -6.44 4.41
N ARG A 166 7.77 -7.02 3.43
CA ARG A 166 8.93 -6.41 2.81
C ARG A 166 8.71 -6.48 1.32
N LEU A 167 9.16 -5.44 0.61
CA LEU A 167 8.93 -5.31 -0.83
C LEU A 167 10.24 -5.21 -1.59
N THR A 168 11.29 -5.70 -0.97
CA THR A 168 12.63 -5.77 -1.53
C THR A 168 13.29 -7.05 -1.07
N HIS A 169 14.08 -7.67 -1.94
CA HIS A 169 14.80 -8.90 -1.62
C HIS A 169 16.01 -9.00 -2.51
N GLN A 170 17.14 -9.39 -1.94
CA GLN A 170 18.39 -9.50 -2.69
C GLN A 170 18.72 -10.95 -3.02
N ILE A 171 18.94 -11.23 -4.31
CA ILE A 171 19.28 -12.59 -4.76
C ILE A 171 20.76 -12.65 -5.13
N GLN A 172 21.52 -13.55 -4.50
CA GLN A 172 22.97 -13.72 -4.73
C GLN A 172 23.29 -14.93 -5.60
N GLU A 173 24.58 -15.11 -5.94
CA GLU A 173 25.12 -16.25 -6.69
C GLU A 173 24.63 -16.43 -8.13
N LEU A 174 24.25 -15.34 -8.76
CA LEU A 174 23.85 -15.39 -10.16
C LEU A 174 25.11 -15.48 -11.06
N THR A 175 24.92 -16.00 -12.28
CA THR A 175 25.96 -16.16 -13.29
C THR A 175 26.09 -14.82 -14.04
N LEU A 176 27.33 -14.40 -14.31
CA LEU A 176 27.57 -13.12 -14.99
C LEU A 176 27.24 -13.20 -16.47
N ASP A 177 26.95 -12.04 -17.10
CA ASP A 177 26.54 -11.93 -18.50
C ASP A 177 25.39 -12.92 -18.91
N THR A 178 24.38 -13.03 -18.04
CA THR A 178 23.30 -13.99 -18.24
C THR A 178 21.91 -13.39 -18.10
N PRO A 179 21.01 -13.61 -19.08
CA PRO A 179 19.63 -13.19 -18.94
C PRO A 179 18.89 -14.13 -17.99
N TYR A 180 18.26 -13.50 -17.00
CA TYR A 180 17.48 -14.12 -15.94
C TYR A 180 16.03 -13.59 -15.98
N TYR A 181 15.07 -14.47 -15.69
CA TYR A 181 13.64 -14.14 -15.70
C TYR A 181 13.15 -14.26 -14.28
N PHE A 182 12.36 -13.26 -13.83
CA PHE A 182 11.83 -13.12 -12.47
C PHE A 182 10.37 -12.94 -12.46
N LYS A 183 9.67 -13.66 -11.57
CA LYS A 183 8.23 -13.51 -11.36
C LYS A 183 7.84 -13.69 -9.91
N ILE A 184 7.07 -12.74 -9.37
CA ILE A 184 6.61 -12.75 -7.98
C ILE A 184 5.12 -13.20 -7.86
N GLN A 185 4.77 -13.81 -6.73
CA GLN A 185 3.43 -14.29 -6.39
C GLN A 185 3.11 -13.98 -4.91
N ALA A 186 1.93 -13.41 -4.64
CA ALA A 186 1.50 -13.06 -3.28
C ALA A 186 0.77 -14.27 -2.67
N ARG A 187 0.82 -14.31 -1.35
CA ARG A 187 0.21 -15.38 -0.57
C ARG A 187 -0.47 -14.70 0.62
N ASN A 188 -1.64 -15.20 1.02
CA ASN A 188 -2.37 -14.76 2.21
C ASN A 188 -3.01 -16.00 2.91
N SER A 189 -3.70 -15.81 4.06
CA SER A 189 -4.32 -16.93 4.81
C SER A 189 -5.14 -17.90 3.93
N LYS A 190 -5.75 -17.37 2.85
CA LYS A 190 -6.61 -18.10 1.92
C LYS A 190 -5.86 -18.84 0.79
N GLY A 191 -4.60 -18.51 0.57
CA GLY A 191 -3.79 -19.16 -0.45
C GLY A 191 -2.95 -18.24 -1.30
N MET A 192 -2.52 -18.77 -2.46
CA MET A 192 -1.68 -18.06 -3.41
C MET A 192 -2.46 -17.42 -4.52
N GLY A 193 -2.05 -16.24 -4.91
CA GLY A 193 -2.67 -15.54 -6.03
C GLY A 193 -1.91 -15.74 -7.34
N PRO A 194 -2.24 -15.04 -8.41
CA PRO A 194 -1.48 -15.21 -9.66
C PRO A 194 -0.07 -14.63 -9.59
N MET A 195 0.76 -15.08 -10.53
CA MET A 195 2.14 -14.66 -10.70
C MET A 195 2.25 -13.45 -11.66
N SER A 196 3.28 -12.62 -11.45
CA SER A 196 3.55 -11.50 -12.31
C SER A 196 4.08 -12.03 -13.68
N GLU A 197 4.03 -11.21 -14.75
CA GLU A 197 4.61 -11.59 -16.04
C GLU A 197 6.10 -11.50 -15.78
N ALA A 198 6.90 -12.46 -16.32
CA ALA A 198 8.35 -12.48 -16.12
C ALA A 198 9.00 -11.20 -16.60
N VAL A 199 9.93 -10.72 -15.80
CA VAL A 199 10.75 -9.54 -16.02
C VAL A 199 12.12 -10.09 -16.36
N GLN A 200 12.67 -9.71 -17.52
CA GLN A 200 13.99 -10.16 -17.91
C GLN A 200 15.04 -9.17 -17.45
N PHE A 201 16.07 -9.65 -16.76
CA PHE A 201 17.23 -8.85 -16.36
C PHE A 201 18.47 -9.61 -16.82
N ARG A 202 19.46 -8.89 -17.38
CA ARG A 202 20.72 -9.51 -17.78
C ARG A 202 21.79 -9.06 -16.79
N THR A 203 22.39 -10.03 -16.07
CA THR A 203 23.45 -9.73 -15.10
C THR A 203 24.64 -9.07 -15.81
N PRO A 204 25.41 -8.23 -15.09
CA PRO A 204 26.57 -7.59 -15.71
C PRO A 204 27.58 -8.60 -16.16
N GLY A 205 28.24 -8.29 -17.26
CA GLY A 205 29.32 -9.13 -17.77
C GLY A 205 30.57 -8.90 -16.95
N THR A 206 31.66 -9.58 -17.38
CA THR A 206 33.08 -9.63 -16.92
C THR A 206 33.61 -11.06 -16.96
N PRO B 92 2.56 4.29 27.32
CA PRO B 92 2.23 2.87 27.17
C PRO B 92 2.75 2.33 25.84
N CYS B 93 2.02 2.63 24.74
CA CYS B 93 2.33 2.32 23.35
C CYS B 93 3.17 3.44 22.81
N ASN B 94 2.80 4.70 23.16
CA ASN B 94 3.51 5.94 22.82
C ASN B 94 5.04 5.77 22.99
N TYR B 95 5.77 6.08 21.91
CA TYR B 95 7.22 5.93 21.78
C TYR B 95 8.02 6.73 22.82
N SER B 113 15.45 12.88 19.30
CA SER B 113 15.95 13.44 18.04
C SER B 113 15.34 12.76 16.80
N TYR B 114 14.62 13.56 15.99
CA TYR B 114 13.96 13.09 14.78
C TYR B 114 14.77 13.27 13.50
N LEU B 115 14.52 12.37 12.54
CA LEU B 115 15.11 12.34 11.22
C LEU B 115 14.02 12.63 10.19
N PHE B 116 14.38 13.24 9.07
CA PHE B 116 13.43 13.61 8.04
C PHE B 116 13.83 13.08 6.70
N CYS B 117 12.84 12.64 5.95
CA CYS B 117 13.02 12.14 4.62
C CYS B 117 11.94 12.70 3.72
N GLY B 118 12.29 12.97 2.48
CA GLY B 118 11.38 13.49 1.48
C GLY B 118 11.68 13.00 0.09
N LEU B 119 10.64 12.82 -0.71
CA LEU B 119 10.71 12.46 -2.11
C LEU B 119 9.68 13.34 -2.82
N PHE B 120 10.14 14.18 -3.78
CA PHE B 120 9.34 15.17 -4.49
C PHE B 120 9.69 15.27 -5.97
N GLY B 121 8.65 15.19 -6.80
CA GLY B 121 8.68 15.13 -8.27
C GLY B 121 9.70 15.96 -9.00
N ASP B 122 10.35 15.34 -10.02
CA ASP B 122 11.38 15.98 -10.87
C ASP B 122 10.84 17.16 -11.72
N PRO C 1 12.96 11.00 -8.96
CA PRO C 1 12.64 12.24 -8.26
C PRO C 1 13.80 12.81 -7.45
N HIS C 2 13.50 13.86 -6.68
CA HIS C 2 14.43 14.52 -5.78
C HIS C 2 14.32 13.85 -4.44
N LEU C 3 15.44 13.63 -3.78
CA LEU C 3 15.47 12.93 -2.51
C LEU C 3 16.20 13.72 -1.45
N ARG C 4 15.61 13.77 -0.24
CA ARG C 4 16.25 14.37 0.94
C ARG C 4 16.31 13.22 1.96
N THR C 5 17.52 12.73 2.24
CA THR C 5 17.75 11.57 3.12
C THR C 5 17.81 11.97 4.58
N PHE C 6 17.57 11.01 5.49
CA PHE C 6 17.63 11.16 6.93
C PHE C 6 19.01 11.66 7.38
N LYS C 7 20.01 11.45 6.51
CA LYS C 7 21.39 11.80 6.71
C LYS C 7 21.70 13.18 6.16
N ASP C 8 20.65 13.94 5.76
CA ASP C 8 20.69 15.32 5.26
C ASP C 8 21.17 15.56 3.84
N ASN C 9 21.48 14.51 3.06
CA ASN C 9 21.90 14.78 1.69
C ASN C 9 20.70 14.99 0.78
N PHE C 10 20.93 15.75 -0.29
CA PHE C 10 19.98 16.01 -1.34
C PHE C 10 20.56 15.42 -2.61
N GLN C 11 19.72 14.68 -3.34
CA GLN C 11 20.12 14.09 -4.61
C GLN C 11 18.94 13.95 -5.53
N THR C 12 19.19 13.72 -6.80
CA THR C 12 18.20 13.56 -7.86
C THR C 12 18.48 12.20 -8.47
N CYS C 13 17.52 11.31 -8.35
CA CYS C 13 17.62 9.93 -8.79
C CYS C 13 16.72 9.69 -9.97
N LYS C 14 17.11 8.70 -10.82
CA LYS C 14 16.28 8.23 -11.91
C LYS C 14 15.34 7.21 -11.21
N VAL C 15 15.89 6.14 -10.63
CA VAL C 15 15.14 5.14 -9.87
C VAL C 15 13.75 4.77 -10.46
N GLU C 16 13.70 4.41 -11.77
CA GLU C 16 12.44 3.99 -12.45
C GLU C 16 11.92 2.68 -11.80
N GLY C 17 10.60 2.55 -11.66
CA GLY C 17 9.98 1.38 -11.08
C GLY C 17 9.81 1.39 -9.57
N ALA C 18 9.72 0.19 -8.93
CA ALA C 18 9.55 0.09 -7.47
C ALA C 18 10.89 0.19 -6.74
N TRP C 19 10.95 1.01 -5.66
CA TRP C 19 12.17 1.23 -4.90
C TRP C 19 11.87 1.41 -3.42
N PRO C 20 12.70 0.83 -2.51
CA PRO C 20 12.46 1.04 -1.10
C PRO C 20 12.99 2.38 -0.63
N LEU C 21 12.13 3.15 0.00
CA LEU C 21 12.54 4.39 0.65
C LEU C 21 12.96 4.02 2.07
N ILE C 22 12.16 3.16 2.73
CA ILE C 22 12.44 2.68 4.09
C ILE C 22 12.18 1.19 4.09
N ASP C 23 13.09 0.45 4.70
CA ASP C 23 13.00 -0.98 4.83
C ASP C 23 13.64 -1.36 6.17
N ASN C 24 12.93 -1.08 7.27
CA ASN C 24 13.42 -1.43 8.60
C ASN C 24 12.48 -2.29 9.41
N ASN C 25 12.88 -2.68 10.63
CA ASN C 25 12.14 -3.57 11.50
C ASN C 25 10.74 -3.11 11.85
N TYR C 26 10.40 -1.83 11.53
CA TYR C 26 9.12 -1.21 11.90
C TYR C 26 8.25 -0.76 10.76
N LEU C 27 8.87 -0.24 9.72
CA LEU C 27 8.16 0.38 8.63
C LEU C 27 8.74 0.02 7.28
N SER C 28 7.89 0.00 6.24
CA SER C 28 8.31 -0.18 4.85
C SER C 28 7.67 0.94 4.02
N VAL C 29 8.50 1.71 3.31
CA VAL C 29 8.00 2.76 2.43
C VAL C 29 8.49 2.45 1.02
N GLN C 30 7.55 2.07 0.14
CA GLN C 30 7.89 1.67 -1.21
C GLN C 30 7.22 2.58 -2.18
N VAL C 31 8.02 3.07 -3.14
CA VAL C 31 7.58 3.99 -4.17
C VAL C 31 7.71 3.41 -5.58
N THR C 32 6.85 3.86 -6.49
CA THR C 32 6.95 3.55 -7.91
C THR C 32 7.18 4.88 -8.64
N ASN C 33 8.28 4.95 -9.41
CA ASN C 33 8.67 6.13 -10.16
C ASN C 33 8.56 5.88 -11.67
N VAL C 34 8.03 6.86 -12.41
CA VAL C 34 7.82 6.78 -13.87
C VAL C 34 8.53 7.92 -14.56
N PRO C 35 9.08 7.75 -15.81
CA PRO C 35 9.66 8.91 -16.50
C PRO C 35 8.55 9.93 -16.70
N VAL C 36 8.85 11.20 -16.43
CA VAL C 36 7.93 12.33 -16.57
C VAL C 36 7.50 12.48 -18.03
N VAL C 37 8.43 12.20 -18.96
CA VAL C 37 8.21 12.14 -20.42
C VAL C 37 8.98 10.90 -20.93
N PRO C 38 8.49 10.13 -21.94
CA PRO C 38 9.20 8.91 -22.36
C PRO C 38 10.72 9.00 -22.51
N GLY C 39 11.20 10.00 -23.24
CA GLY C 39 12.64 10.23 -23.43
C GLY C 39 13.44 10.30 -22.12
N SER C 40 13.12 11.32 -21.31
CA SER C 40 13.73 11.69 -20.02
C SER C 40 14.10 10.62 -19.05
N SER C 41 15.08 10.99 -18.19
CA SER C 41 15.64 10.28 -17.05
C SER C 41 15.09 10.99 -15.78
N ALA C 42 14.27 12.05 -16.00
CA ALA C 42 13.56 12.76 -14.95
C ALA C 42 12.30 11.91 -14.69
N THR C 43 12.18 11.41 -13.47
CA THR C 43 11.09 10.53 -13.05
C THR C 43 10.37 11.13 -11.85
N ALA C 44 9.08 10.77 -11.66
CA ALA C 44 8.30 11.20 -10.52
C ALA C 44 7.44 10.05 -9.92
N THR C 45 7.00 10.19 -8.66
CA THR C 45 6.24 9.17 -7.93
C THR C 45 4.72 9.13 -8.28
N ASN C 46 4.22 7.94 -8.68
CA ASN C 46 2.81 7.70 -9.02
C ASN C 46 2.15 6.69 -8.06
N LYS C 47 2.97 6.11 -7.15
CA LYS C 47 2.52 5.15 -6.13
C LYS C 47 3.38 5.19 -4.88
N ILE C 48 2.72 5.18 -3.71
CA ILE C 48 3.35 5.11 -2.41
C ILE C 48 2.68 3.98 -1.67
N THR C 49 3.50 3.12 -1.08
CA THR C 49 3.02 2.03 -0.23
C THR C 49 3.75 2.15 1.07
N ILE C 50 3.01 2.04 2.17
CA ILE C 50 3.54 2.08 3.54
C ILE C 50 3.04 0.85 4.31
N ILE C 51 3.96 0.08 4.87
CA ILE C 51 3.59 -1.06 5.68
C ILE C 51 3.98 -0.76 7.13
N PHE C 52 2.96 -0.59 7.99
CA PHE C 52 3.18 -0.39 9.43
C PHE C 52 3.21 -1.80 10.00
N LYS C 53 4.44 -2.39 10.03
CA LYS C 53 4.69 -3.75 10.50
C LYS C 53 4.02 -3.94 11.87
N ALA C 54 3.42 -5.11 12.08
CA ALA C 54 2.68 -5.43 13.30
C ALA C 54 3.48 -5.17 14.57
N HIS C 55 2.88 -4.44 15.50
CA HIS C 55 3.49 -4.19 16.79
C HIS C 55 2.57 -4.68 17.90
N HIS C 56 2.98 -5.80 18.47
CA HIS C 56 2.38 -6.55 19.56
C HIS C 56 1.90 -5.62 20.68
N GLY C 57 0.58 -5.63 20.89
CA GLY C 57 -0.10 -4.82 21.89
C GLY C 57 -0.61 -3.48 21.38
N CYS C 58 0.08 -2.89 20.38
CA CYS C 58 -0.29 -1.61 19.82
C CYS C 58 -1.22 -1.73 18.63
N THR C 59 -0.65 -1.99 17.45
CA THR C 59 -1.36 -2.11 16.20
C THR C 59 -1.16 -3.48 15.56
N ASP C 60 -2.06 -3.83 14.65
CA ASP C 60 -1.89 -4.97 13.79
C ASP C 60 -1.16 -4.38 12.55
N GLN C 61 -0.83 -5.22 11.57
CA GLN C 61 -0.18 -4.73 10.34
C GLN C 61 -1.18 -3.88 9.57
N LYS C 62 -0.78 -2.68 9.13
CA LYS C 62 -1.64 -1.81 8.33
C LYS C 62 -0.92 -1.42 7.07
N VAL C 63 -1.63 -1.41 5.94
CA VAL C 63 -1.01 -1.04 4.65
C VAL C 63 -1.67 0.17 4.07
N TYR C 64 -0.88 1.21 3.76
CA TYR C 64 -1.45 2.39 3.11
C TYR C 64 -0.90 2.46 1.71
N GLN C 65 -1.77 2.76 0.76
CA GLN C 65 -1.39 2.88 -0.63
C GLN C 65 -2.14 4.04 -1.28
N ALA C 66 -1.35 4.94 -1.85
CA ALA C 66 -1.77 6.12 -2.58
C ALA C 66 -1.19 5.96 -3.98
N VAL C 67 -1.92 6.47 -4.93
CA VAL C 67 -1.57 6.40 -6.32
C VAL C 67 -2.09 7.73 -6.90
N THR C 68 -1.47 8.24 -7.98
CA THR C 68 -1.97 9.48 -8.57
C THR C 68 -3.47 9.37 -8.90
N ASP C 69 -4.23 10.34 -8.38
CA ASP C 69 -5.68 10.55 -8.44
C ASP C 69 -6.46 9.78 -7.39
N ASP C 70 -5.77 8.91 -6.63
CA ASP C 70 -6.36 8.15 -5.53
C ASP C 70 -5.50 8.22 -4.27
N LEU C 71 -5.80 9.17 -3.37
CA LEU C 71 -5.13 9.37 -2.09
C LEU C 71 -6.19 9.18 -1.04
N PRO C 72 -6.44 7.93 -0.60
CA PRO C 72 -7.50 7.71 0.39
C PRO C 72 -7.11 8.21 1.77
N ALA C 73 -8.09 8.33 2.67
CA ALA C 73 -7.87 8.72 4.07
C ALA C 73 -8.08 7.47 4.97
N ALA C 74 -7.68 6.27 4.45
CA ALA C 74 -7.81 4.96 5.10
C ALA C 74 -6.80 3.98 4.53
N PHE C 75 -6.56 2.88 5.29
CA PHE C 75 -5.65 1.81 4.87
C PHE C 75 -6.32 0.94 3.79
N VAL C 76 -5.57 0.05 3.11
CA VAL C 76 -6.12 -0.81 2.05
C VAL C 76 -7.42 -1.57 2.39
N ASP C 77 -7.63 -1.84 3.70
CA ASP C 77 -8.80 -2.58 4.22
C ASP C 77 -9.93 -1.63 4.67
N GLY C 78 -9.89 -0.39 4.18
CA GLY C 78 -10.87 0.65 4.48
C GLY C 78 -10.90 1.10 5.93
N THR C 79 -9.89 0.68 6.68
CA THR C 79 -9.71 0.95 8.12
C THR C 79 -8.98 2.27 8.31
N THR C 80 -9.28 2.99 9.39
CA THR C 80 -8.65 4.29 9.66
C THR C 80 -7.73 4.37 10.90
N SER C 81 -7.50 3.24 11.61
CA SER C 81 -6.65 3.15 12.81
C SER C 81 -6.04 1.73 13.04
N GLY C 82 -5.34 1.52 14.17
CA GLY C 82 -4.73 0.22 14.51
C GLY C 82 -5.59 -0.71 15.39
N GLY C 83 -5.31 -2.01 15.32
CA GLY C 83 -6.00 -3.03 16.11
C GLY C 83 -5.66 -3.01 17.59
N ALA C 87 -4.75 0.92 20.05
CA ALA C 87 -5.97 1.72 19.91
C ALA C 87 -5.70 3.01 19.07
N LYS C 88 -5.30 4.12 19.74
CA LYS C 88 -4.98 5.42 19.15
C LYS C 88 -3.50 5.48 18.68
N SER C 89 -2.79 4.33 18.72
CA SER C 89 -1.36 4.22 18.38
C SER C 89 -1.01 4.50 16.91
N LEU C 90 -1.91 4.17 15.98
CA LEU C 90 -1.75 4.38 14.55
C LEU C 90 -3.06 4.97 13.99
N ARG C 91 -3.00 6.18 13.36
CA ARG C 91 -4.19 6.85 12.82
C ARG C 91 -3.97 7.60 11.49
N ILE C 92 -4.98 7.61 10.59
CA ILE C 92 -4.89 8.37 9.34
C ILE C 92 -5.71 9.62 9.47
N VAL C 93 -5.16 10.74 9.02
CA VAL C 93 -5.89 12.00 8.96
C VAL C 93 -5.78 12.64 7.59
N GLU C 94 -6.93 13.01 7.03
CA GLU C 94 -7.08 13.69 5.75
C GLU C 94 -7.05 15.18 6.06
N ARG C 95 -6.44 15.98 5.18
CA ARG C 95 -6.33 17.44 5.36
C ARG C 95 -6.61 18.22 4.03
N GLU C 96 -6.34 17.58 2.86
CA GLU C 96 -6.50 18.09 1.49
C GLU C 96 -6.00 19.53 1.25
N HIS C 99 -6.12 14.88 -1.49
CA HIS C 99 -4.95 15.61 -2.00
C HIS C 99 -3.80 15.83 -0.98
N TYR C 100 -4.06 15.66 0.34
CA TYR C 100 -3.07 15.73 1.43
C TYR C 100 -3.41 14.85 2.68
N VAL C 101 -2.68 13.73 2.89
CA VAL C 101 -2.92 12.75 3.98
C VAL C 101 -1.75 12.65 5.01
N GLU C 102 -2.06 12.35 6.30
CA GLU C 102 -1.08 12.15 7.37
C GLU C 102 -1.32 10.86 8.14
N MET C 103 -0.25 10.08 8.35
CA MET C 103 -0.30 8.88 9.17
C MET C 103 0.43 9.22 10.44
N HIS C 104 -0.18 8.90 11.58
CA HIS C 104 0.39 9.17 12.88
C HIS C 104 0.68 7.88 13.59
N ALA C 105 1.92 7.41 13.50
CA ALA C 105 2.35 6.17 14.14
C ALA C 105 3.01 6.50 15.52
N ARG C 106 2.17 6.97 16.47
CA ARG C 106 2.54 7.35 17.84
C ARG C 106 3.42 6.29 18.50
N TYR C 107 3.07 5.00 18.32
CA TYR C 107 3.77 3.84 18.88
C TYR C 107 5.25 3.77 18.42
N ILE C 108 5.59 4.45 17.31
CA ILE C 108 6.96 4.51 16.75
C ILE C 108 7.49 5.95 16.49
N GLY C 109 6.83 6.97 17.04
CA GLY C 109 7.21 8.37 16.83
C GLY C 109 7.28 8.80 15.38
N THR C 110 6.63 8.04 14.51
CA THR C 110 6.70 8.23 13.08
C THR C 110 5.48 8.91 12.53
N THR C 111 5.70 9.85 11.59
CA THR C 111 4.66 10.58 10.88
C THR C 111 4.98 10.56 9.41
N VAL C 112 4.00 10.14 8.60
CA VAL C 112 4.13 10.09 7.14
C VAL C 112 3.14 11.08 6.52
N PHE C 113 3.63 11.96 5.64
CA PHE C 113 2.83 12.99 4.95
C PHE C 113 2.82 12.66 3.48
N VAL C 114 1.64 12.50 2.90
CA VAL C 114 1.49 12.21 1.47
C VAL C 114 0.63 13.30 0.82
N ARG C 115 1.13 13.89 -0.26
CA ARG C 115 0.43 14.96 -0.97
C ARG C 115 0.54 14.69 -2.46
N GLN C 116 -0.52 15.00 -3.23
CA GLN C 116 -0.48 14.89 -4.69
C GLN C 116 -0.17 16.26 -5.22
N VAL C 117 0.96 16.37 -5.91
CA VAL C 117 1.40 17.65 -6.50
C VAL C 117 1.43 17.47 -8.02
N GLY C 118 0.35 17.91 -8.66
CA GLY C 118 0.14 17.77 -10.09
C GLY C 118 -0.34 16.37 -10.44
N ARG C 119 0.41 15.68 -11.30
CA ARG C 119 0.11 14.33 -11.74
C ARG C 119 0.89 13.30 -10.94
N TYR C 120 1.73 13.80 -9.99
CA TYR C 120 2.60 12.93 -9.19
C TYR C 120 2.46 13.10 -7.68
N LEU C 121 3.11 12.22 -6.91
CA LEU C 121 3.05 12.18 -5.45
C LEU C 121 4.28 12.69 -4.75
N THR C 122 4.07 13.23 -3.55
CA THR C 122 5.11 13.79 -2.70
C THR C 122 4.95 13.19 -1.34
N LEU C 123 6.08 12.79 -0.79
CA LEU C 123 6.14 12.08 0.46
C LEU C 123 7.18 12.69 1.38
N ALA C 124 6.90 12.66 2.68
CA ALA C 124 7.79 13.12 3.74
C ALA C 124 7.55 12.24 4.95
N ILE C 125 8.64 11.78 5.58
CA ILE C 125 8.59 10.94 6.77
C ILE C 125 9.43 11.62 7.84
N ARG C 126 8.88 11.69 9.09
CA ARG C 126 9.59 12.15 10.29
C ARG C 126 9.68 10.89 11.13
N MET C 127 10.90 10.53 11.54
CA MET C 127 11.12 9.29 12.28
C MET C 127 12.23 9.43 13.31
N PRO C 128 12.12 8.85 14.54
CA PRO C 128 13.24 8.97 15.48
C PRO C 128 14.52 8.23 15.01
N GLU C 129 15.69 8.87 15.22
CA GLU C 129 17.00 8.38 14.77
C GLU C 129 17.27 6.91 15.09
N ASP C 130 16.98 6.48 16.34
CA ASP C 130 17.18 5.13 16.87
C ASP C 130 16.32 4.06 16.20
N LEU C 131 15.17 4.46 15.65
CA LEU C 131 14.26 3.55 14.98
C LEU C 131 14.55 3.54 13.48
N ALA C 132 14.91 4.71 12.91
CA ALA C 132 15.22 4.86 11.49
C ALA C 132 16.50 4.09 11.12
N MET C 133 17.36 3.87 12.11
CA MET C 133 18.64 3.15 11.96
C MET C 133 18.53 1.73 12.57
N SER C 134 17.28 1.24 12.78
CA SER C 134 16.98 -0.08 13.37
C SER C 134 16.60 -1.12 12.29
N TYR C 135 17.63 -1.60 11.57
CA TYR C 135 17.50 -2.56 10.48
C TYR C 135 18.72 -3.47 10.44
N GLU C 136 18.57 -4.62 9.78
CA GLU C 136 19.61 -5.63 9.62
C GLU C 136 20.50 -5.28 8.45
N GLU C 137 21.76 -5.77 8.45
CA GLU C 137 22.78 -5.50 7.44
C GLU C 137 22.37 -5.76 5.99
N SER C 138 21.49 -6.76 5.80
CA SER C 138 20.88 -7.18 4.55
C SER C 138 19.94 -6.10 3.96
N GLN C 139 19.22 -5.34 4.84
CA GLN C 139 18.29 -4.29 4.42
C GLN C 139 19.10 -3.01 4.09
N ASP C 140 20.06 -3.12 3.14
CA ASP C 140 20.96 -2.05 2.76
C ASP C 140 20.52 -1.11 1.62
N LEU C 141 19.38 -1.36 1.01
CA LEU C 141 18.79 -0.48 -0.02
C LEU C 141 17.55 0.16 0.64
N GLN C 142 17.72 1.43 1.02
CA GLN C 142 16.77 2.30 1.68
C GLN C 142 17.18 3.71 1.25
N LEU C 143 16.52 4.25 0.25
CA LEU C 143 16.84 5.58 -0.30
C LEU C 143 16.82 6.72 0.77
N CYS C 144 16.02 6.59 1.83
CA CYS C 144 15.92 7.57 2.91
C CYS C 144 17.17 7.50 3.80
N VAL C 145 17.88 6.40 3.76
CA VAL C 145 19.03 6.22 4.62
C VAL C 145 20.33 6.54 3.90
N ASN C 146 20.64 5.82 2.82
CA ASN C 146 21.89 6.02 2.11
C ASN C 146 21.78 6.50 0.66
N GLY C 147 20.62 7.02 0.31
CA GLY C 147 20.36 7.52 -1.03
C GLY C 147 20.18 6.42 -2.05
N CYS C 148 20.05 6.80 -3.30
CA CYS C 148 19.93 5.83 -4.36
C CYS C 148 21.36 5.36 -4.77
N PRO C 149 21.50 4.18 -5.41
CA PRO C 149 22.85 3.77 -5.86
C PRO C 149 23.41 4.81 -6.82
N LEU C 150 24.74 5.04 -6.84
CA LEU C 150 25.37 6.04 -7.71
C LEU C 150 24.90 5.99 -9.16
N SER C 151 24.83 4.81 -9.77
CA SER C 151 24.33 4.60 -11.14
C SER C 151 22.97 5.24 -11.39
N GLU C 152 22.11 5.36 -10.35
CA GLU C 152 20.75 5.97 -10.41
C GLU C 152 20.75 7.49 -10.26
N ARG C 153 21.84 8.09 -9.75
CA ARG C 153 21.98 9.55 -9.55
C ARG C 153 22.15 10.36 -10.83
N ILE C 154 21.45 11.52 -10.92
CA ILE C 154 21.53 12.46 -12.04
C ILE C 154 22.75 13.38 -11.89
N ASP C 155 23.77 13.18 -12.74
CA ASP C 155 24.99 13.98 -12.74
C ASP C 155 24.99 14.90 -13.95
N ASP C 156 25.07 16.21 -13.71
CA ASP C 156 25.26 17.16 -14.80
C ASP C 156 26.77 17.51 -14.76
N GLY C 157 27.24 17.89 -13.56
CA GLY C 157 28.62 18.24 -13.33
C GLY C 157 28.93 19.54 -14.02
N GLN C 158 29.40 19.46 -15.29
CA GLN C 158 29.74 20.61 -16.16
C GLN C 158 28.70 21.73 -16.07
N GLY C 159 27.42 21.36 -16.17
CA GLY C 159 26.29 22.27 -16.08
C GLY C 159 26.05 22.84 -14.70
N GLN C 160 26.06 21.98 -13.66
CA GLN C 160 25.87 22.38 -12.26
C GLN C 160 27.05 23.25 -11.80
N VAL C 161 28.28 22.88 -12.24
CA VAL C 161 29.56 23.55 -12.00
C VAL C 161 29.55 24.97 -12.60
N SER C 162 29.09 25.10 -13.87
CA SER C 162 28.95 26.40 -14.53
C SER C 162 27.88 27.23 -13.81
N ALA C 163 26.79 26.57 -13.31
CA ALA C 163 25.70 27.21 -12.55
C ALA C 163 26.24 27.79 -11.25
N ILE C 164 26.97 26.98 -10.45
CA ILE C 164 27.57 27.44 -9.19
C ILE C 164 28.65 28.53 -9.43
N LEU C 165 29.47 28.36 -10.49
CA LEU C 165 30.49 29.34 -10.88
C LEU C 165 29.90 30.64 -11.46
N GLY C 166 28.68 30.58 -12.03
CA GLY C 166 28.00 31.72 -12.62
C GLY C 166 28.65 32.28 -13.88
C1 NAG D . -36.09 3.41 -3.13
C2 NAG D . -35.21 3.76 -4.33
C3 NAG D . -35.38 5.25 -4.64
C4 NAG D . -36.85 5.56 -4.91
C5 NAG D . -37.71 5.14 -3.74
C6 NAG D . -39.20 5.25 -4.01
C7 NAG D . -33.19 2.36 -4.63
C8 NAG D . -31.71 2.30 -4.42
N2 NAG D . -33.80 3.44 -4.11
O3 NAG D . -34.58 5.60 -5.76
O4 NAG D . -37.01 6.95 -5.14
O5 NAG D . -37.46 3.76 -3.40
O6 NAG D . -39.65 4.24 -4.90
O7 NAG D . -33.80 1.48 -5.23
#